data_2AE2
#
_entry.id   2AE2
#
_cell.length_a   88.600
_cell.length_b   88.600
_cell.length_c   338.300
_cell.angle_alpha   90.00
_cell.angle_beta   90.00
_cell.angle_gamma   120.00
#
_symmetry.space_group_name_H-M   'P 61 2 2'
#
loop_
_entity.id
_entity.type
_entity.pdbx_description
1 polymer 'PROTEIN (TROPINONE REDUCTASE-II)'
2 non-polymer 'NADP NICOTINAMIDE-ADENINE-DINUCLEOTIDE PHOSPHATE'
3 non-polymer PSEUDOTROPINE
4 water water
#
_entity_poly.entity_id   1
_entity_poly.type   'polypeptide(L)'
_entity_poly.pdbx_seq_one_letter_code
;MAGRWNLEGCTALVTGGSRGIGYGIVEELASLGASVYTCSRNQKELNDCLTQWRSKGFKVEASVCDLSSRSERQELMNTV
ANHFHGKLNILVNNAGIVIYKEAKDYTVEDYSLIMSINFEAAYHLSVLAHPFLKASERGNVVFISSVSGALAVPYEAVYG
ATKGAMDQLTRCLAFEWAKDNIRVNGVGPGVIATSLVEMTIQDPEQKENLNKLIDRCALRRMGEPKELAAMVAFLCFPAA
SYVTGQIIYVDGGLMANCGF
;
_entity_poly.pdbx_strand_id   A,B
#
loop_
_chem_comp.id
_chem_comp.type
_chem_comp.name
_chem_comp.formula
NAP non-polymer 'NADP NICOTINAMIDE-ADENINE-DINUCLEOTIDE PHOSPHATE' 'C21 H28 N7 O17 P3'
PTO non-polymer PSEUDOTROPINE 'C8 H15 N O'
#
# COMPACT_ATOMS: atom_id res chain seq x y z
N ALA A 2 -5.68 23.08 25.78
CA ALA A 2 -6.68 23.19 24.68
C ALA A 2 -8.07 22.78 25.14
N GLY A 3 -9.08 23.58 24.77
CA GLY A 3 -10.44 23.25 25.13
C GLY A 3 -10.87 22.09 24.26
N ARG A 4 -12.11 21.64 24.38
CA ARG A 4 -12.56 20.52 23.56
C ARG A 4 -12.64 20.83 22.06
N TRP A 5 -12.85 22.10 21.72
CA TRP A 5 -12.96 22.47 20.31
C TRP A 5 -11.89 23.44 19.80
N ASN A 6 -10.67 23.32 20.32
CA ASN A 6 -9.57 24.18 19.87
C ASN A 6 -8.22 23.50 20.14
N LEU A 7 -7.15 24.09 19.63
CA LEU A 7 -5.82 23.53 19.78
C LEU A 7 -4.89 24.49 20.51
N GLU A 8 -5.45 25.27 21.41
CA GLU A 8 -4.66 26.23 22.18
C GLU A 8 -3.53 25.53 22.92
N GLY A 9 -2.29 25.95 22.65
CA GLY A 9 -1.14 25.37 23.32
C GLY A 9 -0.58 24.09 22.72
N CYS A 10 -1.20 23.60 21.65
CA CYS A 10 -0.74 22.38 21.01
C CYS A 10 0.39 22.69 20.03
N THR A 11 1.35 21.79 19.91
CA THR A 11 2.47 21.97 18.99
C THR A 11 2.25 21.03 17.81
N ALA A 12 2.62 21.46 16.61
CA ALA A 12 2.40 20.63 15.44
C ALA A 12 3.45 20.75 14.35
N LEU A 13 3.63 19.66 13.63
CA LEU A 13 4.54 19.61 12.50
C LEU A 13 3.70 19.18 11.31
N VAL A 14 3.71 19.98 10.25
CA VAL A 14 2.98 19.70 9.03
C VAL A 14 4.00 19.71 7.91
N THR A 15 4.14 18.59 7.19
CA THR A 15 5.10 18.55 6.10
C THR A 15 4.52 19.13 4.81
N GLY A 16 5.34 19.84 4.05
CA GLY A 16 4.86 20.44 2.82
C GLY A 16 3.74 21.44 3.01
N GLY A 17 4.02 22.49 3.78
CA GLY A 17 2.99 23.49 4.05
C GLY A 17 3.11 24.81 3.31
N SER A 18 3.94 24.85 2.27
CA SER A 18 4.11 26.08 1.52
C SER A 18 3.06 26.27 0.42
N ARG A 19 2.32 25.22 0.10
CA ARG A 19 1.28 25.31 -0.94
C ARG A 19 0.13 24.34 -0.69
N GLY A 20 -0.93 24.52 -1.48
CA GLY A 20 -2.09 23.66 -1.44
C GLY A 20 -2.71 23.27 -0.11
N ILE A 21 -2.95 21.97 0.05
CA ILE A 21 -3.56 21.43 1.26
C ILE A 21 -2.73 21.72 2.52
N GLY A 22 -1.42 21.49 2.44
CA GLY A 22 -0.55 21.72 3.58
C GLY A 22 -0.64 23.17 4.08
N TYR A 23 -0.64 24.10 3.14
CA TYR A 23 -0.73 25.51 3.48
C TYR A 23 -2.05 25.72 4.23
N GLY A 24 -3.13 25.15 3.69
CA GLY A 24 -4.43 25.27 4.32
C GLY A 24 -4.46 24.66 5.72
N ILE A 25 -3.75 23.56 5.91
CA ILE A 25 -3.71 22.91 7.22
C ILE A 25 -2.97 23.76 8.24
N VAL A 26 -1.85 24.36 7.83
CA VAL A 26 -1.09 25.23 8.73
C VAL A 26 -1.97 26.38 9.21
N GLU A 27 -2.62 27.06 8.27
CA GLU A 27 -3.48 28.18 8.62
C GLU A 27 -4.62 27.76 9.54
N GLU A 28 -5.20 26.59 9.30
CA GLU A 28 -6.30 26.11 10.14
C GLU A 28 -5.85 25.79 11.56
N LEU A 29 -4.78 25.01 11.69
CA LEU A 29 -4.27 24.64 13.02
C LEU A 29 -3.83 25.88 13.81
N ALA A 30 -3.14 26.80 13.14
CA ALA A 30 -2.65 28.01 13.78
C ALA A 30 -3.80 28.90 14.22
N SER A 31 -4.80 29.04 13.35
CA SER A 31 -5.96 29.87 13.66
C SER A 31 -6.74 29.30 14.84
N LEU A 32 -6.50 28.03 15.17
CA LEU A 32 -7.20 27.38 16.28
C LEU A 32 -6.35 27.32 17.54
N GLY A 33 -5.21 28.03 17.52
CA GLY A 33 -4.35 28.11 18.69
C GLY A 33 -3.06 27.30 18.73
N ALA A 34 -2.82 26.48 17.72
CA ALA A 34 -1.62 25.66 17.74
C ALA A 34 -0.36 26.40 17.29
N SER A 35 0.78 25.93 17.78
CA SER A 35 2.08 26.49 17.39
C SER A 35 2.51 25.51 16.31
N VAL A 36 2.69 26.01 15.10
CA VAL A 36 3.04 25.12 14.00
C VAL A 36 4.43 25.28 13.39
N TYR A 37 4.98 24.15 12.97
CA TYR A 37 6.28 24.10 12.31
C TYR A 37 6.03 23.39 10.96
N THR A 38 6.61 23.93 9.89
CA THR A 38 6.42 23.32 8.59
C THR A 38 7.70 23.28 7.78
N CYS A 39 7.64 22.69 6.59
CA CYS A 39 8.81 22.59 5.73
C CYS A 39 8.43 22.43 4.29
N SER A 40 9.43 22.53 3.43
CA SER A 40 9.29 22.39 1.99
C SER A 40 10.71 22.53 1.44
N ARG A 41 10.88 22.31 0.14
CA ARG A 41 12.20 22.38 -0.51
C ARG A 41 12.60 23.76 -1.00
N ASN A 42 11.70 24.72 -0.86
CA ASN A 42 11.95 26.09 -1.33
C ASN A 42 11.96 27.11 -0.21
N GLN A 43 13.16 27.56 0.16
CA GLN A 43 13.32 28.55 1.23
C GLN A 43 12.56 29.85 0.95
N LYS A 44 12.65 30.35 -0.28
CA LYS A 44 11.99 31.58 -0.66
C LYS A 44 10.49 31.50 -0.47
N GLU A 45 9.90 30.38 -0.88
CA GLU A 45 8.47 30.20 -0.73
C GLU A 45 8.09 30.14 0.74
N LEU A 46 8.92 29.46 1.53
CA LEU A 46 8.69 29.32 2.96
C LEU A 46 8.72 30.68 3.65
N ASN A 47 9.66 31.54 3.25
CA ASN A 47 9.76 32.85 3.86
C ASN A 47 8.55 33.72 3.55
N ASP A 48 8.05 33.62 2.33
CA ASP A 48 6.86 34.39 1.96
C ASP A 48 5.70 33.94 2.82
N CYS A 49 5.60 32.62 3.02
CA CYS A 49 4.54 32.03 3.83
C CYS A 49 4.63 32.50 5.28
N LEU A 50 5.82 32.42 5.86
CA LEU A 50 6.02 32.83 7.25
C LEU A 50 5.55 34.27 7.45
N THR A 51 5.86 35.13 6.50
CA THR A 51 5.45 36.53 6.57
C THR A 51 3.93 36.65 6.57
N GLN A 52 3.28 35.89 5.70
CA GLN A 52 1.83 35.90 5.58
C GLN A 52 1.17 35.47 6.89
N TRP A 53 1.61 34.33 7.40
CA TRP A 53 1.07 33.76 8.64
C TRP A 53 1.34 34.60 9.88
N ARG A 54 2.57 35.06 10.04
CA ARG A 54 2.92 35.84 11.21
C ARG A 54 2.19 37.17 11.29
N SER A 55 1.99 37.81 10.15
CA SER A 55 1.30 39.10 10.13
C SER A 55 -0.13 38.90 10.63
N LYS A 56 -0.60 37.66 10.57
CA LYS A 56 -1.95 37.31 11.02
C LYS A 56 -1.92 36.95 12.49
N GLY A 57 -0.73 36.89 13.07
CA GLY A 57 -0.61 36.56 14.48
C GLY A 57 -0.43 35.07 14.76
N PHE A 58 -0.20 34.27 13.72
CA PHE A 58 -0.01 32.83 13.91
C PHE A 58 1.40 32.57 14.42
N LYS A 59 1.54 31.50 15.21
CA LYS A 59 2.85 31.12 15.73
C LYS A 59 3.34 30.02 14.80
N VAL A 60 4.16 30.39 13.82
CA VAL A 60 4.67 29.42 12.88
C VAL A 60 6.17 29.55 12.67
N GLU A 61 6.80 28.42 12.36
CA GLU A 61 8.23 28.37 12.11
C GLU A 61 8.43 27.37 10.98
N ALA A 62 9.47 27.57 10.19
CA ALA A 62 9.70 26.66 9.07
C ALA A 62 11.16 26.58 8.67
N SER A 63 11.54 25.44 8.12
CA SER A 63 12.89 25.23 7.66
C SER A 63 12.80 24.37 6.42
N VAL A 64 13.73 24.57 5.49
CA VAL A 64 13.75 23.80 4.26
C VAL A 64 14.15 22.37 4.56
N CYS A 65 13.53 21.43 3.87
CA CYS A 65 13.86 20.02 4.07
C CYS A 65 13.42 19.20 2.87
N ASP A 66 14.31 18.39 2.33
CA ASP A 66 13.97 17.53 1.22
C ASP A 66 13.57 16.22 1.88
N LEU A 67 12.28 15.94 1.91
CA LEU A 67 11.77 14.75 2.55
C LEU A 67 12.18 13.45 1.87
N SER A 68 12.70 13.52 0.65
CA SER A 68 13.10 12.30 -0.04
C SER A 68 14.42 11.81 0.51
N SER A 69 15.04 12.60 1.40
CA SER A 69 16.31 12.24 2.00
C SER A 69 16.20 11.82 3.47
N ARG A 70 16.66 10.61 3.75
CA ARG A 70 16.62 10.05 5.10
C ARG A 70 17.35 10.94 6.11
N SER A 71 18.54 11.41 5.75
CA SER A 71 19.33 12.25 6.64
C SER A 71 18.65 13.60 6.90
N GLU A 72 18.04 14.17 5.86
CA GLU A 72 17.35 15.44 6.03
C GLU A 72 16.15 15.30 6.95
N ARG A 73 15.46 14.16 6.87
CA ARG A 73 14.30 13.90 7.72
C ARG A 73 14.75 13.83 9.17
N GLN A 74 15.93 13.25 9.40
CA GLN A 74 16.48 13.13 10.76
C GLN A 74 16.78 14.51 11.29
N GLU A 75 17.39 15.33 10.43
CA GLU A 75 17.75 16.69 10.80
C GLU A 75 16.50 17.51 11.12
N LEU A 76 15.44 17.32 10.33
CA LEU A 76 14.20 18.04 10.55
C LEU A 76 13.62 17.71 11.93
N MET A 77 13.54 16.43 12.27
CA MET A 77 12.98 16.02 13.55
C MET A 77 13.77 16.60 14.72
N ASN A 78 15.10 16.61 14.60
CA ASN A 78 15.93 17.16 15.66
C ASN A 78 15.60 18.63 15.91
N THR A 79 15.50 19.40 14.83
CA THR A 79 15.20 20.83 14.93
C THR A 79 13.82 21.10 15.51
N VAL A 80 12.82 20.31 15.11
CA VAL A 80 11.46 20.51 15.60
C VAL A 80 11.37 20.12 17.07
N ALA A 81 12.00 19.01 17.43
CA ALA A 81 11.98 18.54 18.83
C ALA A 81 12.56 19.60 19.75
N ASN A 82 13.65 20.24 19.31
CA ASN A 82 14.28 21.27 20.11
C ASN A 82 13.47 22.54 20.10
N HIS A 83 12.83 22.82 18.97
CA HIS A 83 12.00 24.01 18.83
C HIS A 83 10.80 23.89 19.76
N PHE A 84 10.27 22.68 19.89
CA PHE A 84 9.11 22.43 20.74
C PHE A 84 9.48 21.85 22.10
N HIS A 85 10.76 21.89 22.42
CA HIS A 85 11.26 21.37 23.69
C HIS A 85 10.86 19.92 23.97
N GLY A 86 11.03 19.07 22.96
CA GLY A 86 10.74 17.66 23.10
C GLY A 86 9.30 17.21 23.24
N LYS A 87 8.35 18.08 22.93
CA LYS A 87 6.95 17.72 23.03
C LYS A 87 6.18 18.04 21.75
N LEU A 88 5.76 17.00 21.04
CA LEU A 88 5.02 17.18 19.80
C LEU A 88 3.63 16.57 19.96
N ASN A 89 2.61 17.41 19.83
CA ASN A 89 1.22 16.95 19.94
C ASN A 89 0.71 16.40 18.62
N ILE A 90 1.05 17.09 17.54
CA ILE A 90 0.54 16.73 16.23
C ILE A 90 1.56 16.62 15.09
N LEU A 91 1.41 15.55 14.31
CA LEU A 91 2.24 15.36 13.13
C LEU A 91 1.28 15.09 11.97
N VAL A 92 1.36 15.92 10.95
CA VAL A 92 0.51 15.74 9.78
C VAL A 92 1.43 15.44 8.61
N ASN A 93 1.33 14.23 8.06
CA ASN A 93 2.15 13.82 6.93
C ASN A 93 1.38 14.17 5.67
N ASN A 94 1.59 15.39 5.20
CA ASN A 94 0.89 15.90 4.02
C ASN A 94 1.71 15.89 2.72
N ALA A 95 3.01 16.08 2.80
CA ALA A 95 3.84 16.11 1.59
C ALA A 95 3.67 14.91 0.67
N GLY A 96 3.57 15.21 -0.62
CA GLY A 96 3.43 14.15 -1.61
C GLY A 96 3.61 14.73 -3.00
N ILE A 97 3.95 13.86 -3.96
CA ILE A 97 4.12 14.28 -5.35
C ILE A 97 3.43 13.24 -6.23
N VAL A 98 3.31 13.54 -7.52
CA VAL A 98 2.69 12.60 -8.43
C VAL A 98 3.45 12.61 -9.76
N ILE A 99 3.52 11.44 -10.40
CA ILE A 99 4.18 11.29 -11.69
C ILE A 99 3.12 10.55 -12.50
N TYR A 100 2.61 11.22 -13.52
CA TYR A 100 1.54 10.64 -14.32
C TYR A 100 1.92 9.73 -15.46
N LYS A 101 2.34 8.52 -15.12
CA LYS A 101 2.71 7.54 -16.13
C LYS A 101 1.97 6.25 -15.83
N GLU A 102 1.75 5.46 -16.88
CA GLU A 102 1.10 4.17 -16.72
C GLU A 102 2.13 3.31 -15.98
N ALA A 103 1.65 2.34 -15.22
CA ALA A 103 2.52 1.48 -14.43
C ALA A 103 3.73 0.90 -15.17
N LYS A 104 3.53 0.48 -16.41
CA LYS A 104 4.62 -0.11 -17.17
C LYS A 104 5.62 0.88 -17.76
N ASP A 105 5.33 2.18 -17.63
CA ASP A 105 6.22 3.21 -18.16
C ASP A 105 7.05 3.91 -17.11
N TYR A 106 6.87 3.53 -15.84
CA TYR A 106 7.63 4.12 -14.76
C TYR A 106 9.09 3.66 -14.86
N THR A 107 10.03 4.57 -14.59
CA THR A 107 11.43 4.20 -14.61
C THR A 107 11.77 3.95 -13.16
N VAL A 108 12.92 3.33 -12.90
CA VAL A 108 13.33 3.05 -11.54
C VAL A 108 13.47 4.34 -10.75
N GLU A 109 13.90 5.40 -11.43
CA GLU A 109 14.07 6.69 -10.79
C GLU A 109 12.70 7.22 -10.37
N ASP A 110 11.71 7.06 -11.26
CA ASP A 110 10.36 7.52 -10.98
C ASP A 110 9.80 6.83 -9.75
N TYR A 111 9.89 5.50 -9.75
CA TYR A 111 9.39 4.69 -8.66
C TYR A 111 10.05 5.02 -7.35
N SER A 112 11.38 5.14 -7.36
CA SER A 112 12.11 5.43 -6.14
C SER A 112 11.76 6.79 -5.58
N LEU A 113 11.57 7.77 -6.46
CA LEU A 113 11.23 9.11 -6.01
C LEU A 113 9.86 9.15 -5.32
N ILE A 114 8.82 8.70 -6.03
CA ILE A 114 7.47 8.72 -5.47
C ILE A 114 7.30 7.90 -4.20
N MET A 115 7.91 6.72 -4.15
CA MET A 115 7.80 5.88 -2.96
C MET A 115 8.52 6.51 -1.77
N SER A 116 9.65 7.17 -2.03
CA SER A 116 10.42 7.77 -0.96
C SER A 116 9.75 8.98 -0.32
N ILE A 117 9.09 9.81 -1.13
CA ILE A 117 8.43 10.99 -0.59
C ILE A 117 7.03 10.68 -0.08
N ASN A 118 6.26 9.94 -0.87
CA ASN A 118 4.87 9.62 -0.50
C ASN A 118 4.69 8.63 0.63
N PHE A 119 5.50 7.59 0.68
CA PHE A 119 5.36 6.61 1.75
C PHE A 119 6.50 6.55 2.75
N GLU A 120 7.72 6.39 2.27
CA GLU A 120 8.85 6.28 3.19
C GLU A 120 9.03 7.48 4.11
N ALA A 121 8.90 8.68 3.56
CA ALA A 121 9.04 9.89 4.37
C ALA A 121 8.01 9.92 5.51
N ALA A 122 6.77 9.56 5.18
CA ALA A 122 5.68 9.56 6.15
C ALA A 122 5.93 8.52 7.25
N TYR A 123 6.33 7.32 6.84
CA TYR A 123 6.61 6.24 7.77
C TYR A 123 7.77 6.64 8.69
N HIS A 124 8.89 6.99 8.07
CA HIS A 124 10.10 7.38 8.79
C HIS A 124 9.86 8.54 9.76
N LEU A 125 9.23 9.61 9.27
CA LEU A 125 8.96 10.77 10.13
C LEU A 125 8.08 10.42 11.32
N SER A 126 7.14 9.49 11.12
CA SER A 126 6.25 9.08 12.19
C SER A 126 7.05 8.41 13.31
N VAL A 127 7.95 7.53 12.92
CA VAL A 127 8.78 6.82 13.90
C VAL A 127 9.72 7.78 14.63
N LEU A 128 10.30 8.72 13.89
CA LEU A 128 11.23 9.69 14.48
C LEU A 128 10.50 10.57 15.48
N ALA A 129 9.25 10.88 15.17
CA ALA A 129 8.42 11.73 16.02
C ALA A 129 7.80 11.01 17.20
N HIS A 130 7.76 9.69 17.14
CA HIS A 130 7.14 8.90 18.20
C HIS A 130 7.49 9.29 19.65
N PRO A 131 8.80 9.34 20.00
CA PRO A 131 9.12 9.71 21.38
C PRO A 131 8.56 11.06 21.83
N PHE A 132 8.51 12.02 20.92
CA PHE A 132 7.98 13.35 21.24
C PHE A 132 6.46 13.41 21.29
N LEU A 133 5.81 12.57 20.49
CA LEU A 133 4.35 12.51 20.48
C LEU A 133 3.94 11.89 21.80
N LYS A 134 4.64 10.82 22.17
CA LYS A 134 4.39 10.12 23.41
C LYS A 134 4.64 11.02 24.62
N ALA A 135 5.69 11.86 24.51
CA ALA A 135 6.05 12.77 25.59
C ALA A 135 5.03 13.87 25.77
N SER A 136 4.31 14.19 24.69
CA SER A 136 3.29 15.23 24.76
C SER A 136 2.09 14.80 25.59
N GLU A 137 1.99 13.50 25.84
CA GLU A 137 0.90 12.94 26.63
C GLU A 137 -0.43 12.91 25.86
N ARG A 138 -0.51 13.62 24.76
CA ARG A 138 -1.72 13.61 23.94
C ARG A 138 -1.34 13.85 22.48
N GLY A 139 -0.90 12.79 21.81
CA GLY A 139 -0.47 12.90 20.44
C GLY A 139 -1.47 12.50 19.37
N ASN A 140 -1.28 13.08 18.20
CA ASN A 140 -2.13 12.81 17.06
C ASN A 140 -1.28 12.77 15.80
N VAL A 141 -1.51 11.75 14.99
CA VAL A 141 -0.81 11.63 13.72
C VAL A 141 -1.90 11.55 12.67
N VAL A 142 -1.81 12.41 11.66
CA VAL A 142 -2.78 12.39 10.58
C VAL A 142 -2.07 12.26 9.25
N PHE A 143 -2.42 11.22 8.50
CA PHE A 143 -1.83 10.95 7.20
C PHE A 143 -2.74 11.50 6.12
N ILE A 144 -2.18 12.20 5.14
CA ILE A 144 -3.00 12.71 4.05
C ILE A 144 -2.88 11.69 2.91
N SER A 145 -3.93 10.90 2.74
CA SER A 145 -3.99 9.86 1.74
C SER A 145 -4.62 10.39 0.46
N SER A 146 -5.54 9.61 -0.11
CA SER A 146 -6.22 10.00 -1.34
C SER A 146 -7.26 8.97 -1.71
N VAL A 147 -8.26 9.38 -2.48
CA VAL A 147 -9.27 8.43 -2.91
C VAL A 147 -8.54 7.43 -3.81
N SER A 148 -7.44 7.89 -4.42
CA SER A 148 -6.64 7.06 -5.32
C SER A 148 -5.94 5.90 -4.63
N GLY A 149 -5.88 5.93 -3.30
CA GLY A 149 -5.25 4.85 -2.57
C GLY A 149 -6.23 3.71 -2.34
N ALA A 150 -7.47 3.91 -2.79
CA ALA A 150 -8.52 2.91 -2.63
C ALA A 150 -9.17 2.47 -3.94
N LEU A 151 -9.22 3.36 -4.92
CA LEU A 151 -9.83 3.04 -6.21
C LEU A 151 -8.96 3.50 -7.37
N ALA A 152 -9.16 2.89 -8.53
CA ALA A 152 -8.37 3.19 -9.72
C ALA A 152 -8.62 4.55 -10.34
N VAL A 153 -7.52 5.26 -10.62
CA VAL A 153 -7.56 6.58 -11.26
C VAL A 153 -6.45 6.57 -12.32
N PRO A 154 -6.75 7.06 -13.53
CA PRO A 154 -5.73 7.09 -14.60
C PRO A 154 -4.39 7.68 -14.19
N TYR A 155 -3.31 6.98 -14.56
CA TYR A 155 -1.93 7.39 -14.29
C TYR A 155 -1.54 7.43 -12.82
N GLU A 156 -2.38 6.85 -11.96
CA GLU A 156 -2.10 6.86 -10.52
C GLU A 156 -2.01 5.47 -9.91
N ALA A 157 -1.49 4.53 -10.69
CA ALA A 157 -1.32 3.15 -10.24
C ALA A 157 -0.25 3.10 -9.16
N VAL A 158 0.91 3.71 -9.42
CA VAL A 158 1.99 3.69 -8.44
C VAL A 158 1.70 4.70 -7.34
N TYR A 159 1.18 5.86 -7.71
CA TYR A 159 0.83 6.89 -6.72
C TYR A 159 -0.19 6.27 -5.76
N GLY A 160 -1.17 5.58 -6.32
CA GLY A 160 -2.20 4.96 -5.51
C GLY A 160 -1.63 3.88 -4.62
N ALA A 161 -0.61 3.18 -5.09
CA ALA A 161 0.02 2.13 -4.29
C ALA A 161 0.70 2.74 -3.06
N THR A 162 1.31 3.91 -3.21
CA THR A 162 1.97 4.55 -2.08
C THR A 162 0.93 4.95 -1.02
N LYS A 163 -0.25 5.35 -1.47
CA LYS A 163 -1.32 5.73 -0.55
C LYS A 163 -1.96 4.49 0.10
N GLY A 164 -2.09 3.43 -0.68
CA GLY A 164 -2.65 2.19 -0.16
C GLY A 164 -1.76 1.66 0.96
N ALA A 165 -0.45 1.84 0.81
CA ALA A 165 0.50 1.39 1.83
C ALA A 165 0.33 2.27 3.06
N MET A 166 0.19 3.57 2.83
CA MET A 166 0.01 4.54 3.89
C MET A 166 -1.26 4.26 4.71
N ASP A 167 -2.34 3.89 4.02
CA ASP A 167 -3.61 3.60 4.69
C ASP A 167 -3.48 2.42 5.65
N GLN A 168 -2.78 1.39 5.21
CA GLN A 168 -2.60 0.20 6.05
C GLN A 168 -1.68 0.51 7.22
N LEU A 169 -0.65 1.32 6.99
CA LEU A 169 0.27 1.67 8.07
C LEU A 169 -0.54 2.46 9.12
N THR A 170 -1.46 3.28 8.64
CA THR A 170 -2.32 4.08 9.50
C THR A 170 -3.11 3.21 10.44
N ARG A 171 -3.77 2.19 9.89
CA ARG A 171 -4.58 1.29 10.70
C ARG A 171 -3.76 0.56 11.77
N CYS A 172 -2.58 0.09 11.40
CA CYS A 172 -1.72 -0.64 12.33
C CYS A 172 -1.11 0.22 13.43
N LEU A 173 -0.63 1.41 13.08
CA LEU A 173 -0.04 2.31 14.07
C LEU A 173 -1.08 2.73 15.11
N ALA A 174 -2.34 2.80 14.68
CA ALA A 174 -3.41 3.19 15.59
C ALA A 174 -3.44 2.17 16.73
N PHE A 175 -3.10 0.93 16.41
CA PHE A 175 -3.09 -0.11 17.43
C PHE A 175 -1.76 -0.22 18.19
N GLU A 176 -0.65 -0.13 17.46
CA GLU A 176 0.65 -0.23 18.10
C GLU A 176 0.94 0.92 19.05
N TRP A 177 0.43 2.10 18.72
CA TRP A 177 0.69 3.29 19.52
C TRP A 177 -0.44 3.75 20.45
N ALA A 178 -1.53 2.98 20.51
CA ALA A 178 -2.67 3.33 21.36
C ALA A 178 -2.26 3.48 22.83
N LYS A 179 -1.41 2.57 23.29
CA LYS A 179 -0.93 2.59 24.67
C LYS A 179 -0.08 3.83 24.97
N ASP A 180 0.47 4.46 23.95
CA ASP A 180 1.29 5.66 24.13
C ASP A 180 0.41 6.90 24.09
N ASN A 181 -0.89 6.64 24.05
CA ASN A 181 -1.90 7.69 23.99
C ASN A 181 -1.78 8.55 22.73
N ILE A 182 -1.57 7.88 21.61
CA ILE A 182 -1.46 8.55 20.33
C ILE A 182 -2.56 8.02 19.42
N ARG A 183 -3.34 8.92 18.83
CA ARG A 183 -4.39 8.51 17.93
C ARG A 183 -3.81 8.67 16.52
N VAL A 184 -4.18 7.76 15.63
CA VAL A 184 -3.67 7.77 14.27
C VAL A 184 -4.81 7.61 13.26
N ASN A 185 -4.94 8.57 12.35
CA ASN A 185 -5.98 8.54 11.34
C ASN A 185 -5.47 9.03 10.02
N GLY A 186 -6.28 8.80 8.99
CA GLY A 186 -5.95 9.24 7.66
C GLY A 186 -7.09 10.04 7.10
N VAL A 187 -6.77 11.05 6.30
CA VAL A 187 -7.79 11.87 5.66
C VAL A 187 -7.53 11.77 4.16
N GLY A 188 -8.48 11.21 3.42
CA GLY A 188 -8.32 11.07 1.99
C GLY A 188 -9.06 12.12 1.19
N PRO A 189 -8.34 13.09 0.63
CA PRO A 189 -8.97 14.14 -0.17
C PRO A 189 -9.42 13.62 -1.52
N GLY A 190 -10.48 14.23 -2.06
CA GLY A 190 -10.99 13.86 -3.36
C GLY A 190 -10.24 14.81 -4.29
N VAL A 191 -10.94 15.76 -4.89
CA VAL A 191 -10.27 16.72 -5.75
C VAL A 191 -10.30 18.07 -5.06
N ILE A 192 -9.11 18.54 -4.65
CA ILE A 192 -8.96 19.82 -3.96
C ILE A 192 -8.15 20.77 -4.83
N ALA A 193 -8.63 22.02 -4.94
CA ALA A 193 -7.95 23.04 -5.74
C ALA A 193 -6.60 23.43 -5.16
N THR A 194 -5.53 22.88 -5.72
CA THR A 194 -4.17 23.17 -5.26
C THR A 194 -3.23 23.39 -6.44
N SER A 195 -1.98 23.75 -6.16
CA SER A 195 -1.01 23.98 -7.22
C SER A 195 -0.78 22.66 -8.00
N LEU A 196 -0.87 21.54 -7.29
CA LEU A 196 -0.70 20.24 -7.89
C LEU A 196 -1.80 20.06 -8.93
N VAL A 197 -3.02 20.45 -8.56
CA VAL A 197 -4.14 20.33 -9.48
C VAL A 197 -4.00 21.32 -10.66
N GLU A 198 -3.53 22.53 -10.39
CA GLU A 198 -3.36 23.53 -11.45
C GLU A 198 -2.37 23.07 -12.52
N MET A 199 -1.25 22.51 -12.09
CA MET A 199 -0.26 22.01 -13.02
C MET A 199 -0.88 20.87 -13.84
N THR A 200 -1.58 19.98 -13.14
CA THR A 200 -2.22 18.83 -13.76
C THR A 200 -3.11 19.17 -14.95
N ILE A 201 -4.00 20.13 -14.79
CA ILE A 201 -4.92 20.49 -15.86
C ILE A 201 -4.28 21.31 -16.97
N GLN A 202 -2.96 21.50 -16.90
CA GLN A 202 -2.28 22.23 -17.95
C GLN A 202 -2.33 21.35 -19.21
N ASP A 203 -2.39 20.04 -18.99
CA ASP A 203 -2.47 19.07 -20.09
C ASP A 203 -3.93 18.73 -20.38
N PRO A 204 -4.38 18.95 -21.62
CA PRO A 204 -5.77 18.68 -22.03
C PRO A 204 -6.35 17.30 -21.67
N GLU A 205 -5.56 16.25 -21.77
CA GLU A 205 -6.06 14.92 -21.44
C GLU A 205 -6.31 14.80 -19.94
N GLN A 206 -5.36 15.31 -19.16
CA GLN A 206 -5.48 15.25 -17.72
C GLN A 206 -6.59 16.19 -17.26
N LYS A 207 -6.76 17.29 -17.98
CA LYS A 207 -7.82 18.24 -17.63
C LYS A 207 -9.17 17.53 -17.78
N GLU A 208 -9.30 16.72 -18.81
CA GLU A 208 -10.53 15.97 -19.06
C GLU A 208 -10.73 14.87 -18.03
N ASN A 209 -9.63 14.25 -17.59
CA ASN A 209 -9.71 13.21 -16.58
C ASN A 209 -10.13 13.80 -15.25
N LEU A 210 -9.66 15.01 -14.96
CA LEU A 210 -10.02 15.67 -13.71
C LEU A 210 -11.50 16.04 -13.71
N ASN A 211 -12.00 16.46 -14.87
CA ASN A 211 -13.40 16.84 -14.99
C ASN A 211 -14.31 15.62 -14.78
N LYS A 212 -13.78 14.43 -15.06
CA LYS A 212 -14.53 13.20 -14.88
C LYS A 212 -14.76 12.95 -13.40
N LEU A 213 -13.74 13.27 -12.60
CA LEU A 213 -13.81 13.08 -11.15
C LEU A 213 -14.78 14.07 -10.52
N ILE A 214 -14.68 15.34 -10.93
CA ILE A 214 -15.54 16.38 -10.38
C ILE A 214 -17.00 16.07 -10.68
N ASP A 215 -17.24 15.59 -11.90
CA ASP A 215 -18.57 15.25 -12.35
C ASP A 215 -19.09 14.02 -11.62
N ARG A 216 -18.19 13.25 -11.02
CA ARG A 216 -18.58 12.04 -10.32
C ARG A 216 -18.79 12.23 -8.83
N CYS A 217 -18.57 13.44 -8.33
CA CYS A 217 -18.81 13.65 -6.92
C CYS A 217 -20.19 14.30 -6.82
N ALA A 218 -20.87 14.10 -5.69
CA ALA A 218 -22.22 14.62 -5.51
C ALA A 218 -22.34 16.14 -5.57
N LEU A 219 -21.37 16.85 -5.01
CA LEU A 219 -21.38 18.30 -4.99
C LEU A 219 -20.93 18.90 -6.33
N ARG A 220 -20.38 18.05 -7.19
CA ARG A 220 -19.93 18.47 -8.52
C ARG A 220 -19.10 19.74 -8.57
N ARG A 221 -18.05 19.77 -7.75
CA ARG A 221 -17.14 20.90 -7.72
C ARG A 221 -15.92 20.44 -6.92
N MET A 222 -14.80 21.13 -7.08
CA MET A 222 -13.59 20.79 -6.34
C MET A 222 -13.74 21.36 -4.94
N GLY A 223 -13.07 20.74 -3.97
CA GLY A 223 -13.13 21.24 -2.62
C GLY A 223 -12.03 22.28 -2.50
N GLU A 224 -12.07 23.06 -1.42
CA GLU A 224 -11.04 24.06 -1.19
C GLU A 224 -10.14 23.55 -0.07
N PRO A 225 -8.87 23.97 -0.04
CA PRO A 225 -7.95 23.52 1.00
C PRO A 225 -8.50 23.61 2.43
N LYS A 226 -9.24 24.67 2.74
CA LYS A 226 -9.79 24.83 4.07
C LYS A 226 -10.87 23.79 4.38
N GLU A 227 -11.50 23.25 3.35
CA GLU A 227 -12.53 22.24 3.53
C GLU A 227 -11.88 20.92 3.94
N LEU A 228 -10.67 20.68 3.43
CA LEU A 228 -9.92 19.49 3.76
C LEU A 228 -9.30 19.72 5.15
N ALA A 229 -8.73 20.90 5.35
CA ALA A 229 -8.10 21.25 6.62
C ALA A 229 -9.04 21.12 7.82
N ALA A 230 -10.31 21.42 7.62
CA ALA A 230 -11.31 21.34 8.68
C ALA A 230 -11.37 19.96 9.30
N MET A 231 -11.31 18.93 8.47
CA MET A 231 -11.35 17.55 8.96
C MET A 231 -10.08 17.19 9.72
N VAL A 232 -8.94 17.70 9.27
CA VAL A 232 -7.66 17.43 9.92
C VAL A 232 -7.64 18.06 11.31
N ALA A 233 -8.09 19.31 11.40
CA ALA A 233 -8.12 20.02 12.68
C ALA A 233 -9.04 19.31 13.67
N PHE A 234 -10.21 18.89 13.21
CA PHE A 234 -11.17 18.20 14.08
C PHE A 234 -10.61 16.93 14.71
N LEU A 235 -9.95 16.11 13.91
CA LEU A 235 -9.40 14.86 14.42
C LEU A 235 -8.36 15.12 15.51
N CYS A 236 -7.78 16.32 15.50
CA CYS A 236 -6.78 16.68 16.49
C CYS A 236 -7.42 17.25 17.76
N PHE A 237 -8.67 17.69 17.67
CA PHE A 237 -9.39 18.25 18.82
C PHE A 237 -9.55 17.20 19.93
N PRO A 238 -9.51 17.64 21.19
CA PRO A 238 -9.69 16.65 22.28
C PRO A 238 -11.08 16.04 22.12
N ALA A 239 -11.94 16.72 21.38
CA ALA A 239 -13.30 16.25 21.13
C ALA A 239 -13.33 14.93 20.36
N ALA A 240 -12.34 14.71 19.50
CA ALA A 240 -12.26 13.50 18.68
C ALA A 240 -11.49 12.38 19.37
N SER A 241 -11.48 12.41 20.70
CA SER A 241 -10.74 11.43 21.50
C SER A 241 -11.05 9.94 21.31
N TYR A 242 -12.19 9.60 20.70
CA TYR A 242 -12.53 8.19 20.47
C TYR A 242 -12.35 7.78 19.01
N VAL A 243 -11.82 8.68 18.20
CA VAL A 243 -11.59 8.40 16.79
C VAL A 243 -10.13 8.00 16.50
N THR A 244 -9.93 6.78 16.03
CA THR A 244 -8.60 6.30 15.70
C THR A 244 -8.66 5.10 14.75
N GLY A 245 -7.66 5.00 13.88
CA GLY A 245 -7.59 3.90 12.94
C GLY A 245 -8.52 4.06 11.75
N GLN A 246 -9.06 5.27 11.58
CA GLN A 246 -9.98 5.57 10.49
C GLN A 246 -9.34 6.29 9.28
N ILE A 247 -9.92 6.06 8.11
CA ILE A 247 -9.50 6.73 6.89
C ILE A 247 -10.77 7.44 6.45
N ILE A 248 -10.81 8.75 6.65
CA ILE A 248 -12.00 9.52 6.31
C ILE A 248 -11.81 10.30 5.02
N TYR A 249 -12.79 10.19 4.12
CA TYR A 249 -12.70 10.89 2.85
C TYR A 249 -13.48 12.20 2.81
N VAL A 250 -12.81 13.24 2.35
CA VAL A 250 -13.39 14.58 2.22
C VAL A 250 -13.34 14.74 0.71
N ASP A 251 -14.40 14.27 0.05
CA ASP A 251 -14.44 14.23 -1.40
C ASP A 251 -15.72 14.67 -2.13
N GLY A 252 -16.62 15.35 -1.43
CA GLY A 252 -17.83 15.79 -2.09
C GLY A 252 -18.72 14.63 -2.50
N GLY A 253 -18.46 13.47 -1.93
CA GLY A 253 -19.26 12.28 -2.22
C GLY A 253 -18.68 11.29 -3.22
N LEU A 254 -17.53 11.62 -3.80
CA LEU A 254 -16.89 10.76 -4.80
C LEU A 254 -16.83 9.27 -4.43
N MET A 255 -16.34 8.96 -3.23
CA MET A 255 -16.21 7.57 -2.78
C MET A 255 -17.51 6.79 -2.63
N ALA A 256 -18.64 7.49 -2.63
CA ALA A 256 -19.93 6.82 -2.47
C ALA A 256 -20.63 6.57 -3.80
N ASN A 257 -20.03 7.04 -4.88
CA ASN A 257 -20.61 6.93 -6.21
C ASN A 257 -20.24 5.74 -7.07
N CYS A 258 -21.20 5.33 -7.88
CA CYS A 258 -21.00 4.26 -8.83
C CYS A 258 -21.58 4.71 -10.17
N GLY A 259 -22.90 4.93 -10.22
CA GLY A 259 -23.54 5.31 -11.47
C GLY A 259 -24.00 6.74 -11.69
N PHE A 260 -23.75 7.63 -10.74
CA PHE A 260 -24.16 9.02 -10.92
C PHE A 260 -23.10 9.77 -11.73
N ALA B 2 -7.88 -23.93 -23.79
CA ALA B 2 -8.41 -24.35 -22.47
C ALA B 2 -9.93 -24.35 -22.45
N GLY B 3 -10.52 -25.35 -21.80
CA GLY B 3 -11.97 -25.42 -21.71
C GLY B 3 -12.49 -24.45 -20.66
N ARG B 4 -13.80 -24.34 -20.57
CA ARG B 4 -14.46 -23.47 -19.62
C ARG B 4 -14.00 -23.66 -18.17
N TRP B 5 -13.81 -24.91 -17.75
CA TRP B 5 -13.41 -25.19 -16.37
C TRP B 5 -12.04 -25.86 -16.16
N ASN B 6 -11.08 -25.56 -17.04
CA ASN B 6 -9.73 -26.10 -16.88
C ASN B 6 -8.73 -25.18 -17.53
N LEU B 7 -7.45 -25.55 -17.45
CA LEU B 7 -6.37 -24.74 -17.99
C LEU B 7 -5.52 -25.51 -18.98
N GLU B 8 -6.16 -26.42 -19.70
CA GLU B 8 -5.47 -27.24 -20.69
C GLU B 8 -4.78 -26.38 -21.72
N GLY B 9 -3.45 -26.51 -21.79
CA GLY B 9 -2.67 -25.76 -22.75
C GLY B 9 -2.22 -24.38 -22.30
N CYS B 10 -2.61 -23.97 -21.10
CA CYS B 10 -2.24 -22.65 -20.59
C CYS B 10 -0.85 -22.70 -19.96
N THR B 11 -0.09 -21.62 -20.13
CA THR B 11 1.25 -21.54 -19.56
C THR B 11 1.17 -20.67 -18.31
N ALA B 12 1.95 -21.00 -17.30
CA ALA B 12 1.91 -20.25 -16.06
C ALA B 12 3.24 -20.10 -15.35
N LEU B 13 3.42 -18.98 -14.65
CA LEU B 13 4.61 -18.73 -13.86
C LEU B 13 4.13 -18.41 -12.45
N VAL B 14 4.56 -19.22 -11.47
CA VAL B 14 4.17 -19.02 -10.08
C VAL B 14 5.45 -18.76 -9.31
N THR B 15 5.56 -17.59 -8.66
CA THR B 15 6.77 -17.30 -7.91
C THR B 15 6.73 -17.92 -6.51
N GLY B 16 7.87 -18.43 -6.05
CA GLY B 16 7.93 -19.05 -4.73
C GLY B 16 7.09 -20.31 -4.60
N GLY B 17 7.32 -21.27 -5.49
CA GLY B 17 6.52 -22.48 -5.43
C GLY B 17 7.14 -23.70 -4.78
N SER B 18 8.21 -23.52 -4.01
CA SER B 18 8.87 -24.66 -3.37
C SER B 18 8.14 -25.18 -2.12
N ARG B 19 7.23 -24.38 -1.57
CA ARG B 19 6.46 -24.81 -0.41
C ARG B 19 5.23 -23.93 -0.13
N GLY B 20 4.50 -24.31 0.92
CA GLY B 20 3.32 -23.57 1.32
C GLY B 20 2.27 -23.37 0.25
N ILE B 21 1.72 -22.16 0.23
CA ILE B 21 0.68 -21.78 -0.73
C ILE B 21 1.15 -21.88 -2.18
N GLY B 22 2.35 -21.39 -2.47
CA GLY B 22 2.88 -21.43 -3.81
C GLY B 22 2.96 -22.85 -4.36
N TYR B 23 3.35 -23.79 -3.51
CA TYR B 23 3.46 -25.19 -3.88
C TYR B 23 2.06 -25.74 -4.22
N GLY B 24 1.08 -25.39 -3.38
CA GLY B 24 -0.29 -25.84 -3.63
C GLY B 24 -0.84 -25.25 -4.91
N ILE B 25 -0.45 -24.02 -5.25
CA ILE B 25 -0.91 -23.38 -6.47
C ILE B 25 -0.30 -24.07 -7.69
N VAL B 26 0.98 -24.43 -7.60
CA VAL B 26 1.63 -25.12 -8.70
C VAL B 26 0.90 -26.43 -8.97
N GLU B 27 0.61 -27.18 -7.91
CA GLU B 27 -0.09 -28.46 -8.03
C GLU B 27 -1.48 -28.32 -8.63
N GLU B 28 -2.23 -27.33 -8.16
CA GLU B 28 -3.58 -27.11 -8.65
C GLU B 28 -3.61 -26.74 -10.13
N LEU B 29 -2.78 -25.76 -10.52
CA LEU B 29 -2.75 -25.34 -11.91
C LEU B 29 -2.33 -26.48 -12.84
N ALA B 30 -1.29 -27.20 -12.45
CA ALA B 30 -0.78 -28.32 -13.27
C ALA B 30 -1.80 -29.44 -13.36
N SER B 31 -2.45 -29.74 -12.24
CA SER B 31 -3.45 -30.80 -12.24
C SER B 31 -4.63 -30.44 -13.12
N LEU B 32 -4.79 -29.15 -13.42
CA LEU B 32 -5.90 -28.71 -14.26
C LEU B 32 -5.47 -28.57 -15.71
N GLY B 33 -4.26 -29.02 -16.01
CA GLY B 33 -3.76 -29.00 -17.38
C GLY B 33 -2.73 -27.96 -17.78
N ALA B 34 -2.41 -27.03 -16.89
CA ALA B 34 -1.45 -26.00 -17.23
C ALA B 34 -0.02 -26.49 -17.19
N SER B 35 0.83 -25.83 -17.95
CA SER B 35 2.25 -26.12 -17.98
C SER B 35 2.77 -25.04 -17.05
N VAL B 36 3.45 -25.44 -15.98
CA VAL B 36 3.92 -24.48 -15.00
C VAL B 36 5.43 -24.28 -14.85
N TYR B 37 5.81 -23.05 -14.53
CA TYR B 37 7.21 -22.71 -14.29
C TYR B 37 7.23 -22.03 -12.94
N THR B 38 8.17 -22.41 -12.08
CA THR B 38 8.25 -21.79 -10.77
C THR B 38 9.71 -21.49 -10.39
N CYS B 39 9.88 -20.91 -9.21
CA CYS B 39 11.21 -20.54 -8.73
C CYS B 39 11.22 -20.39 -7.21
N SER B 40 12.43 -20.35 -6.67
CA SER B 40 12.67 -20.18 -5.24
C SER B 40 14.17 -19.97 -5.16
N ARG B 41 14.70 -19.78 -3.96
CA ARG B 41 16.14 -19.54 -3.82
C ARG B 41 16.99 -20.80 -3.59
N ASN B 42 16.35 -21.96 -3.49
CA ASN B 42 17.07 -23.22 -3.24
C ASN B 42 16.88 -24.25 -4.36
N GLN B 43 17.97 -24.52 -5.09
CA GLN B 43 17.91 -25.46 -6.19
C GLN B 43 17.60 -26.88 -5.77
N LYS B 44 18.19 -27.33 -4.66
CA LYS B 44 17.94 -28.69 -4.18
C LYS B 44 16.47 -28.85 -3.86
N GLU B 45 15.91 -27.89 -3.14
CA GLU B 45 14.50 -27.91 -2.77
C GLU B 45 13.64 -27.98 -4.02
N LEU B 46 13.93 -27.11 -4.98
CA LEU B 46 13.19 -27.07 -6.22
C LEU B 46 13.23 -28.41 -6.92
N ASN B 47 14.42 -29.01 -6.98
CA ASN B 47 14.56 -30.29 -7.66
C ASN B 47 13.73 -31.40 -7.02
N ASP B 48 13.63 -31.39 -5.69
CA ASP B 48 12.83 -32.40 -5.01
C ASP B 48 11.35 -32.14 -5.29
N CYS B 49 11.00 -30.89 -5.51
CA CYS B 49 9.61 -30.54 -5.83
C CYS B 49 9.33 -31.05 -7.23
N LEU B 50 10.28 -30.85 -8.13
CA LEU B 50 10.15 -31.31 -9.51
C LEU B 50 9.94 -32.82 -9.59
N THR B 51 10.64 -33.56 -8.73
CA THR B 51 10.51 -35.02 -8.69
C THR B 51 9.11 -35.46 -8.28
N GLN B 52 8.51 -34.77 -7.32
CA GLN B 52 7.17 -35.11 -6.87
C GLN B 52 6.14 -34.76 -7.94
N TRP B 53 6.24 -33.53 -8.45
CA TRP B 53 5.31 -33.06 -9.48
C TRP B 53 5.33 -33.91 -10.74
N ARG B 54 6.52 -34.22 -11.24
CA ARG B 54 6.64 -35.02 -12.46
C ARG B 54 6.18 -36.45 -12.25
N SER B 55 6.18 -36.90 -11.00
CA SER B 55 5.74 -38.25 -10.68
C SER B 55 4.22 -38.33 -10.84
N LYS B 56 3.57 -37.17 -10.79
CA LYS B 56 2.12 -37.08 -10.93
C LYS B 56 1.72 -36.75 -12.37
N GLY B 57 2.70 -36.57 -13.22
CA GLY B 57 2.42 -36.28 -14.61
C GLY B 57 2.28 -34.80 -14.92
N PHE B 58 2.66 -33.96 -13.97
CA PHE B 58 2.58 -32.52 -14.14
C PHE B 58 3.68 -31.99 -15.05
N LYS B 59 3.33 -31.01 -15.87
CA LYS B 59 4.30 -30.39 -16.76
C LYS B 59 4.81 -29.19 -15.96
N VAL B 60 5.98 -29.33 -15.36
CA VAL B 60 6.55 -28.27 -14.56
C VAL B 60 8.05 -28.10 -14.79
N GLU B 61 8.50 -26.87 -14.65
CA GLU B 61 9.91 -26.54 -14.78
C GLU B 61 10.20 -25.53 -13.69
N ALA B 62 11.45 -25.47 -13.24
CA ALA B 62 11.79 -24.53 -12.19
C ALA B 62 13.25 -24.15 -12.25
N SER B 63 13.55 -22.94 -11.78
CA SER B 63 14.91 -22.46 -11.76
C SER B 63 15.05 -21.56 -10.53
N VAL B 64 16.28 -21.45 -10.04
CA VAL B 64 16.58 -20.64 -8.87
C VAL B 64 16.55 -19.16 -9.21
N CYS B 65 15.93 -18.36 -8.34
CA CYS B 65 15.86 -16.92 -8.54
C CYS B 65 15.67 -16.21 -7.23
N ASP B 66 16.48 -15.18 -6.98
CA ASP B 66 16.35 -14.40 -5.76
C ASP B 66 15.55 -13.17 -6.18
N LEU B 67 14.25 -13.22 -5.95
CA LEU B 67 13.35 -12.14 -6.31
C LEU B 67 13.68 -10.78 -5.73
N SER B 68 14.54 -10.74 -4.71
CA SER B 68 14.90 -9.46 -4.12
C SER B 68 15.87 -8.73 -5.05
N SER B 69 16.39 -9.44 -6.04
CA SER B 69 17.34 -8.86 -6.99
C SER B 69 16.70 -8.47 -8.32
N ARG B 70 16.85 -7.21 -8.69
CA ARG B 70 16.30 -6.70 -9.94
C ARG B 70 16.83 -7.43 -11.17
N SER B 71 18.15 -7.63 -11.21
CA SER B 71 18.74 -8.32 -12.35
C SER B 71 18.29 -9.78 -12.41
N GLU B 72 18.15 -10.43 -11.26
CA GLU B 72 17.72 -11.83 -11.25
C GLU B 72 16.30 -11.98 -11.77
N ARG B 73 15.45 -11.00 -11.48
CA ARG B 73 14.07 -11.05 -11.93
C ARG B 73 14.02 -10.95 -13.44
N GLN B 74 14.84 -10.07 -14.01
CA GLN B 74 14.88 -9.88 -15.45
C GLN B 74 15.36 -11.16 -16.12
N GLU B 75 16.32 -11.82 -15.49
CA GLU B 75 16.89 -13.06 -16.00
C GLU B 75 15.82 -14.14 -15.95
N LEU B 76 15.03 -14.15 -14.88
CA LEU B 76 13.98 -15.13 -14.74
C LEU B 76 12.95 -14.98 -15.85
N MET B 77 12.50 -13.76 -16.11
CA MET B 77 11.51 -13.55 -17.15
C MET B 77 12.03 -13.96 -18.51
N ASN B 78 13.31 -13.67 -18.78
CA ASN B 78 13.90 -14.05 -20.06
C ASN B 78 13.85 -15.56 -20.22
N THR B 79 14.23 -16.26 -19.17
CA THR B 79 14.23 -17.72 -19.15
C THR B 79 12.83 -18.27 -19.40
N VAL B 80 11.85 -17.72 -18.69
CA VAL B 80 10.48 -18.16 -18.82
C VAL B 80 9.92 -17.88 -20.21
N ALA B 81 10.18 -16.68 -20.73
CA ALA B 81 9.69 -16.31 -22.05
C ALA B 81 10.19 -17.31 -23.09
N ASN B 82 11.46 -17.66 -23.02
CA ASN B 82 12.05 -18.60 -23.97
C ASN B 82 11.42 -19.98 -23.79
N HIS B 83 11.27 -20.38 -22.53
CA HIS B 83 10.68 -21.67 -22.21
C HIS B 83 9.25 -21.80 -22.73
N PHE B 84 8.49 -20.70 -22.73
CA PHE B 84 7.11 -20.74 -23.18
C PHE B 84 6.87 -20.17 -24.57
N HIS B 85 7.96 -19.87 -25.28
CA HIS B 85 7.86 -19.34 -26.62
C HIS B 85 7.19 -17.97 -26.68
N GLY B 86 7.50 -17.13 -25.70
CA GLY B 86 6.94 -15.79 -25.66
C GLY B 86 5.45 -15.67 -25.40
N LYS B 87 4.84 -16.74 -24.91
CA LYS B 87 3.42 -16.71 -24.62
C LYS B 87 3.17 -17.19 -23.20
N LEU B 88 2.69 -16.28 -22.36
CA LEU B 88 2.42 -16.60 -20.97
C LEU B 88 0.97 -16.24 -20.63
N ASN B 89 0.18 -17.25 -20.27
CA ASN B 89 -1.22 -17.03 -19.93
C ASN B 89 -1.45 -16.55 -18.49
N ILE B 90 -0.68 -17.09 -17.57
CA ILE B 90 -0.87 -16.78 -16.16
C ILE B 90 0.38 -16.38 -15.40
N LEU B 91 0.23 -15.37 -14.55
CA LEU B 91 1.32 -14.93 -13.70
C LEU B 91 0.74 -14.87 -12.29
N VAL B 92 1.31 -15.65 -11.37
CA VAL B 92 0.87 -15.65 -10.00
C VAL B 92 2.01 -15.14 -9.13
N ASN B 93 1.85 -13.92 -8.63
CA ASN B 93 2.85 -13.32 -7.76
C ASN B 93 2.57 -13.79 -6.35
N ASN B 94 3.20 -14.90 -5.96
CA ASN B 94 2.98 -15.49 -4.64
C ASN B 94 4.09 -15.28 -3.62
N ALA B 95 5.35 -15.27 -4.06
CA ALA B 95 6.45 -15.11 -3.12
C ALA B 95 6.30 -13.93 -2.18
N GLY B 96 6.63 -14.15 -0.91
CA GLY B 96 6.54 -13.11 0.08
C GLY B 96 7.22 -13.54 1.36
N ILE B 97 7.58 -12.57 2.20
CA ILE B 97 8.23 -12.85 3.48
C ILE B 97 7.64 -11.96 4.57
N VAL B 98 7.83 -12.36 5.83
CA VAL B 98 7.35 -11.58 6.97
C VAL B 98 8.51 -11.35 7.92
N ILE B 99 8.54 -10.15 8.50
CA ILE B 99 9.54 -9.80 9.48
C ILE B 99 8.69 -9.27 10.63
N TYR B 100 8.56 -10.09 11.69
CA TYR B 100 7.75 -9.76 12.84
C TYR B 100 8.38 -8.76 13.80
N LYS B 101 8.12 -7.49 13.57
CA LYS B 101 8.64 -6.41 14.40
C LYS B 101 7.61 -5.30 14.43
N GLU B 102 7.60 -4.53 15.51
CA GLU B 102 6.68 -3.41 15.59
C GLU B 102 7.24 -2.41 14.61
N ALA B 103 6.36 -1.59 14.02
CA ALA B 103 6.76 -0.61 13.03
C ALA B 103 8.01 0.22 13.36
N LYS B 104 8.14 0.65 14.62
CA LYS B 104 9.29 1.47 15.00
C LYS B 104 10.61 0.71 15.25
N ASP B 105 10.55 -0.62 15.26
CA ASP B 105 11.75 -1.42 15.49
C ASP B 105 12.37 -1.89 14.20
N TYR B 106 11.74 -1.55 13.08
CA TYR B 106 12.24 -1.95 11.76
C TYR B 106 13.50 -1.17 11.41
N THR B 107 14.47 -1.86 10.80
CA THR B 107 15.71 -1.21 10.38
C THR B 107 15.57 -0.96 8.90
N VAL B 108 16.47 -0.15 8.36
CA VAL B 108 16.44 0.17 6.94
C VAL B 108 16.56 -1.11 6.14
N GLU B 109 17.34 -2.06 6.65
CA GLU B 109 17.54 -3.34 5.98
C GLU B 109 16.29 -4.22 5.99
N ASP B 110 15.59 -4.24 7.12
CA ASP B 110 14.37 -5.02 7.23
C ASP B 110 13.38 -4.48 6.23
N TYR B 111 13.16 -3.17 6.30
CA TYR B 111 12.23 -2.51 5.43
C TYR B 111 12.55 -2.73 3.94
N SER B 112 13.80 -2.49 3.56
CA SER B 112 14.19 -2.65 2.17
C SER B 112 13.98 -4.06 1.65
N LEU B 113 14.25 -5.05 2.49
CA LEU B 113 14.10 -6.45 2.11
C LEU B 113 12.65 -6.84 1.87
N ILE B 114 11.79 -6.52 2.83
CA ILE B 114 10.38 -6.89 2.73
C ILE B 114 9.71 -6.14 1.58
N MET B 115 10.04 -4.87 1.41
CA MET B 115 9.45 -4.08 0.34
C MET B 115 9.87 -4.59 -1.04
N SER B 116 11.13 -5.00 -1.18
CA SER B 116 11.62 -5.48 -2.47
C SER B 116 11.05 -6.83 -2.87
N ILE B 117 10.87 -7.73 -1.91
CA ILE B 117 10.32 -9.04 -2.21
C ILE B 117 8.80 -9.05 -2.32
N ASN B 118 8.14 -8.48 -1.31
CA ASN B 118 6.68 -8.46 -1.27
C ASN B 118 5.97 -7.58 -2.28
N PHE B 119 6.50 -6.40 -2.54
CA PHE B 119 5.85 -5.49 -3.49
C PHE B 119 6.61 -5.21 -4.79
N GLU B 120 7.83 -4.68 -4.67
CA GLU B 120 8.63 -4.36 -5.85
C GLU B 120 8.80 -5.52 -6.84
N ALA B 121 9.06 -6.72 -6.31
CA ALA B 121 9.22 -7.89 -7.16
C ALA B 121 7.94 -8.21 -7.93
N ALA B 122 6.81 -8.15 -7.23
CA ALA B 122 5.51 -8.43 -7.84
C ALA B 122 5.18 -7.40 -8.92
N TYR B 123 5.49 -6.14 -8.63
CA TYR B 123 5.25 -5.08 -9.58
C TYR B 123 6.20 -5.24 -10.76
N HIS B 124 7.50 -5.37 -10.48
CA HIS B 124 8.51 -5.53 -11.54
C HIS B 124 8.22 -6.71 -12.46
N LEU B 125 7.97 -7.87 -11.87
CA LEU B 125 7.69 -9.06 -12.66
C LEU B 125 6.45 -8.93 -13.54
N SER B 126 5.43 -8.23 -13.03
CA SER B 126 4.20 -8.04 -13.79
C SER B 126 4.49 -7.24 -15.05
N VAL B 127 5.23 -6.15 -14.90
CA VAL B 127 5.58 -5.30 -16.02
C VAL B 127 6.43 -6.07 -17.03
N LEU B 128 7.37 -6.86 -16.52
CA LEU B 128 8.24 -7.66 -17.39
C LEU B 128 7.45 -8.72 -18.16
N ALA B 129 6.42 -9.27 -17.53
CA ALA B 129 5.61 -10.29 -18.14
C ALA B 129 4.55 -9.76 -19.09
N HIS B 130 4.21 -8.48 -18.94
CA HIS B 130 3.16 -7.88 -19.75
C HIS B 130 3.14 -8.22 -21.24
N PRO B 131 4.25 -8.02 -21.95
CA PRO B 131 4.23 -8.34 -23.38
C PRO B 131 3.93 -9.81 -23.70
N PHE B 132 4.31 -10.70 -22.80
CA PHE B 132 4.08 -12.13 -23.00
C PHE B 132 2.66 -12.50 -22.61
N LEU B 133 2.09 -11.75 -21.68
CA LEU B 133 0.71 -11.99 -21.23
C LEU B 133 -0.22 -11.55 -22.36
N LYS B 134 0.12 -10.41 -22.96
CA LYS B 134 -0.64 -9.84 -24.06
C LYS B 134 -0.52 -10.71 -25.30
N ALA B 135 0.70 -11.16 -25.61
CA ALA B 135 0.92 -12.01 -26.77
C ALA B 135 0.12 -13.30 -26.64
N SER B 136 -0.12 -13.74 -25.41
CA SER B 136 -0.88 -14.97 -25.18
C SER B 136 -2.36 -14.79 -25.57
N GLU B 137 -2.81 -13.55 -25.63
CA GLU B 137 -4.19 -13.21 -26.00
C GLU B 137 -5.25 -13.52 -24.95
N ARG B 138 -4.86 -14.18 -23.87
CA ARG B 138 -5.77 -14.48 -22.76
C ARG B 138 -4.94 -14.56 -21.49
N GLY B 139 -4.55 -13.39 -20.99
CA GLY B 139 -3.72 -13.32 -19.81
C GLY B 139 -4.46 -13.12 -18.50
N ASN B 140 -3.81 -13.56 -17.44
CA ASN B 140 -4.36 -13.46 -16.10
C ASN B 140 -3.21 -13.20 -15.14
N VAL B 141 -3.38 -12.20 -14.29
CA VAL B 141 -2.39 -11.87 -13.28
C VAL B 141 -3.10 -11.98 -11.94
N VAL B 142 -2.59 -12.85 -11.07
CA VAL B 142 -3.17 -13.01 -9.75
C VAL B 142 -2.12 -12.67 -8.70
N PHE B 143 -2.44 -11.72 -7.82
CA PHE B 143 -1.53 -11.33 -6.77
C PHE B 143 -1.97 -12.04 -5.50
N ILE B 144 -1.03 -12.53 -4.71
CA ILE B 144 -1.41 -13.18 -3.46
C ILE B 144 -1.21 -12.15 -2.36
N SER B 145 -2.31 -11.63 -1.86
CA SER B 145 -2.28 -10.60 -0.84
C SER B 145 -2.35 -11.18 0.56
N SER B 146 -3.19 -10.58 1.41
CA SER B 146 -3.38 -11.03 2.77
C SER B 146 -4.43 -10.18 3.45
N VAL B 147 -5.11 -10.76 4.43
CA VAL B 147 -6.12 -10.02 5.18
C VAL B 147 -5.35 -8.89 5.88
N SER B 148 -4.07 -9.16 6.14
CA SER B 148 -3.20 -8.20 6.81
C SER B 148 -2.98 -6.94 5.97
N GLY B 149 -3.39 -6.99 4.71
CA GLY B 149 -3.22 -5.83 3.86
C GLY B 149 -4.41 -4.88 3.98
N ALA B 150 -5.44 -5.28 4.73
CA ALA B 150 -6.62 -4.45 4.87
C ALA B 150 -6.98 -4.19 6.33
N LEU B 151 -6.52 -5.05 7.23
CA LEU B 151 -6.80 -4.91 8.65
C LEU B 151 -5.55 -5.10 9.51
N ALA B 152 -5.55 -4.49 10.70
CA ALA B 152 -4.43 -4.54 11.61
C ALA B 152 -4.15 -5.91 12.23
N VAL B 153 -2.90 -6.34 12.14
CA VAL B 153 -2.46 -7.61 12.70
C VAL B 153 -1.13 -7.31 13.39
N PRO B 154 -0.94 -7.79 14.63
CA PRO B 154 0.31 -7.56 15.38
C PRO B 154 1.55 -7.94 14.58
N TYR B 155 2.56 -7.06 14.61
CA TYR B 155 3.85 -7.26 13.92
C TYR B 155 3.79 -7.25 12.40
N GLU B 156 2.66 -6.81 11.85
CA GLU B 156 2.51 -6.78 10.42
C GLU B 156 2.17 -5.41 9.83
N ALA B 157 2.64 -4.36 10.48
CA ALA B 157 2.40 -2.99 10.00
C ALA B 157 3.06 -2.78 8.65
N VAL B 158 4.34 -3.12 8.53
CA VAL B 158 5.06 -2.95 7.27
C VAL B 158 4.69 -4.07 6.30
N TYR B 159 4.55 -5.29 6.80
CA TYR B 159 4.14 -6.40 5.95
C TYR B 159 2.77 -6.03 5.37
N GLY B 160 1.90 -5.49 6.22
CA GLY B 160 0.57 -5.09 5.78
C GLY B 160 0.61 -3.99 4.75
N ALA B 161 1.57 -3.07 4.90
CA ALA B 161 1.70 -1.97 3.95
C ALA B 161 2.10 -2.49 2.56
N THR B 162 2.99 -3.49 2.51
CA THR B 162 3.40 -4.03 1.21
C THR B 162 2.21 -4.66 0.49
N LYS B 163 1.30 -5.24 1.25
CA LYS B 163 0.11 -5.87 0.69
C LYS B 163 -0.95 -4.81 0.31
N GLY B 164 -0.98 -3.73 1.08
CA GLY B 164 -1.92 -2.65 0.81
C GLY B 164 -1.54 -1.97 -0.50
N ALA B 165 -0.24 -1.84 -0.74
CA ALA B 165 0.25 -1.25 -1.98
C ALA B 165 -0.08 -2.21 -3.14
N MET B 166 0.12 -3.50 -2.89
CA MET B 166 -0.15 -4.53 -3.89
C MET B 166 -1.62 -4.51 -4.32
N ASP B 167 -2.52 -4.39 -3.35
CA ASP B 167 -3.96 -4.36 -3.62
C ASP B 167 -4.34 -3.20 -4.53
N GLN B 168 -3.80 -2.02 -4.26
CA GLN B 168 -4.14 -0.87 -5.08
C GLN B 168 -3.57 -1.03 -6.49
N LEU B 169 -2.40 -1.65 -6.59
CA LEU B 169 -1.78 -1.90 -7.89
C LEU B 169 -2.69 -2.85 -8.67
N THR B 170 -3.25 -3.82 -7.96
CA THR B 170 -4.15 -4.80 -8.57
C THR B 170 -5.34 -4.11 -9.25
N ARG B 171 -5.99 -3.21 -8.52
CA ARG B 171 -7.16 -2.49 -9.04
C ARG B 171 -6.84 -1.63 -10.26
N CYS B 172 -5.71 -0.93 -10.22
CA CYS B 172 -5.32 -0.08 -11.33
C CYS B 172 -4.87 -0.83 -12.57
N LEU B 173 -4.13 -1.93 -12.37
CA LEU B 173 -3.67 -2.72 -13.50
C LEU B 173 -4.85 -3.38 -14.22
N ALA B 174 -5.93 -3.65 -13.48
CA ALA B 174 -7.13 -4.26 -14.07
C ALA B 174 -7.67 -3.32 -15.15
N PHE B 175 -7.53 -2.01 -14.92
CA PHE B 175 -7.99 -1.01 -15.87
C PHE B 175 -6.96 -0.66 -16.95
N GLU B 176 -5.70 -0.54 -16.55
CA GLU B 176 -4.64 -0.20 -17.49
C GLU B 176 -4.38 -1.28 -18.55
N TRP B 177 -4.57 -2.54 -18.16
CA TRP B 177 -4.30 -3.66 -19.06
C TRP B 177 -5.53 -4.35 -19.63
N ALA B 178 -6.72 -3.80 -19.37
CA ALA B 178 -7.95 -4.38 -19.86
C ALA B 178 -7.96 -4.54 -21.37
N LYS B 179 -7.52 -3.51 -22.09
CA LYS B 179 -7.50 -3.56 -23.54
C LYS B 179 -6.52 -4.60 -24.09
N ASP B 180 -5.60 -5.06 -23.23
CA ASP B 180 -4.62 -6.07 -23.63
C ASP B 180 -5.15 -7.47 -23.38
N ASN B 181 -6.43 -7.55 -23.00
CA ASN B 181 -7.11 -8.80 -22.71
C ASN B 181 -6.54 -9.52 -21.50
N ILE B 182 -6.08 -8.75 -20.53
CA ILE B 182 -5.52 -9.31 -19.31
C ILE B 182 -6.41 -8.98 -18.12
N ARG B 183 -6.78 -9.99 -17.35
CA ARG B 183 -7.58 -9.76 -16.16
C ARG B 183 -6.60 -9.76 -14.99
N VAL B 184 -6.84 -8.93 -14.00
CA VAL B 184 -5.96 -8.81 -12.84
C VAL B 184 -6.78 -8.84 -11.54
N ASN B 185 -6.46 -9.79 -10.67
CA ASN B 185 -7.18 -9.94 -9.41
C ASN B 185 -6.22 -10.27 -8.28
N GLY B 186 -6.71 -10.14 -7.06
CA GLY B 186 -5.91 -10.46 -5.91
C GLY B 186 -6.65 -11.47 -5.05
N VAL B 187 -5.90 -12.35 -4.40
CA VAL B 187 -6.52 -13.31 -3.52
C VAL B 187 -5.84 -13.10 -2.17
N GLY B 188 -6.64 -12.84 -1.15
CA GLY B 188 -6.11 -12.61 0.18
C GLY B 188 -6.37 -13.77 1.11
N PRO B 189 -5.33 -14.56 1.44
CA PRO B 189 -5.55 -15.70 2.34
C PRO B 189 -5.66 -15.23 3.79
N GLY B 190 -6.37 -16.00 4.60
CA GLY B 190 -6.49 -15.69 6.01
C GLY B 190 -5.32 -16.42 6.63
N VAL B 191 -5.59 -17.45 7.42
CA VAL B 191 -4.49 -18.22 8.00
C VAL B 191 -4.47 -19.57 7.28
N ILE B 192 -3.38 -19.83 6.58
CA ILE B 192 -3.21 -21.08 5.83
C ILE B 192 -2.00 -21.83 6.41
N ALA B 193 -2.18 -23.12 6.67
CA ALA B 193 -1.13 -23.94 7.23
C ALA B 193 0.04 -24.10 6.26
N THR B 194 1.11 -23.34 6.48
CA THR B 194 2.29 -23.40 5.63
C THR B 194 3.54 -23.35 6.50
N SER B 195 4.70 -23.50 5.86
CA SER B 195 5.97 -23.45 6.59
C SER B 195 6.12 -22.09 7.31
N LEU B 196 5.65 -21.04 6.67
CA LEU B 196 5.71 -19.70 7.25
C LEU B 196 4.98 -19.69 8.59
N VAL B 197 3.84 -20.38 8.63
CA VAL B 197 3.01 -20.48 9.83
C VAL B 197 3.68 -21.41 10.85
N GLU B 198 4.32 -22.46 10.36
CA GLU B 198 4.99 -23.42 11.22
C GLU B 198 6.13 -22.74 11.97
N MET B 199 6.85 -21.86 11.29
CA MET B 199 7.96 -21.14 11.90
C MET B 199 7.42 -20.08 12.86
N THR B 200 6.25 -19.54 12.54
CA THR B 200 5.63 -18.52 13.37
C THR B 200 5.23 -19.03 14.74
N ILE B 201 4.47 -20.12 14.80
CA ILE B 201 4.02 -20.67 16.07
C ILE B 201 5.17 -21.13 16.96
N GLN B 202 6.39 -21.02 16.44
CA GLN B 202 7.55 -21.42 17.22
C GLN B 202 7.64 -20.47 18.40
N ASP B 203 7.32 -19.20 18.14
CA ASP B 203 7.33 -18.17 19.17
C ASP B 203 6.00 -18.27 19.91
N PRO B 204 6.04 -18.49 21.23
CA PRO B 204 4.85 -18.60 22.08
C PRO B 204 3.87 -17.42 21.98
N GLU B 205 4.40 -16.21 21.82
CA GLU B 205 3.54 -15.04 21.70
C GLU B 205 2.88 -15.02 20.33
N GLN B 206 3.68 -15.33 19.30
CA GLN B 206 3.17 -15.36 17.95
C GLN B 206 2.20 -16.52 17.80
N LYS B 207 2.43 -17.58 18.57
CA LYS B 207 1.56 -18.74 18.53
C LYS B 207 0.21 -18.33 19.10
N GLU B 208 0.24 -17.55 20.18
CA GLU B 208 -0.99 -17.10 20.80
C GLU B 208 -1.70 -16.10 19.90
N ASN B 209 -0.93 -15.28 19.19
CA ASN B 209 -1.51 -14.29 18.27
C ASN B 209 -2.20 -15.01 17.13
N LEU B 210 -1.62 -16.12 16.69
CA LEU B 210 -2.21 -16.88 15.59
C LEU B 210 -3.49 -17.56 16.06
N ASN B 211 -3.49 -18.01 17.31
CA ASN B 211 -4.67 -18.66 17.87
C ASN B 211 -5.85 -17.72 17.90
N LYS B 212 -5.57 -16.43 18.07
CA LYS B 212 -6.62 -15.39 18.10
C LYS B 212 -7.28 -15.34 16.73
N LEU B 213 -6.46 -15.31 15.69
CA LEU B 213 -6.93 -15.25 14.32
C LEU B 213 -7.86 -16.41 13.98
N ILE B 214 -7.43 -17.63 14.32
CA ILE B 214 -8.23 -18.81 14.03
C ILE B 214 -9.57 -18.77 14.75
N ASP B 215 -9.57 -18.24 15.97
CA ASP B 215 -10.78 -18.13 16.77
C ASP B 215 -11.74 -17.09 16.23
N ARG B 216 -11.20 -16.14 15.49
CA ARG B 216 -12.03 -15.08 14.91
C ARG B 216 -12.53 -15.51 13.55
N CYS B 217 -12.24 -16.77 13.21
CA CYS B 217 -12.66 -17.39 11.97
C CYS B 217 -14.03 -18.00 12.21
N ALA B 218 -14.90 -17.95 11.21
CA ALA B 218 -16.22 -18.55 11.36
C ALA B 218 -16.05 -20.07 11.37
N LEU B 219 -15.08 -20.56 10.60
CA LEU B 219 -14.80 -21.99 10.50
C LEU B 219 -13.88 -22.46 11.61
N ARG B 220 -13.28 -21.50 12.31
CA ARG B 220 -12.37 -21.77 13.42
C ARG B 220 -11.34 -22.86 13.18
N ARG B 221 -10.58 -22.71 12.11
CA ARG B 221 -9.53 -23.64 11.76
C ARG B 221 -8.73 -22.99 10.65
N MET B 222 -7.48 -23.43 10.50
CA MET B 222 -6.61 -22.91 9.45
C MET B 222 -7.04 -23.52 8.12
N GLY B 223 -6.77 -22.80 7.03
CA GLY B 223 -7.12 -23.32 5.73
C GLY B 223 -5.96 -24.13 5.22
N GLU B 224 -6.17 -24.88 4.15
CA GLU B 224 -5.11 -25.69 3.56
C GLU B 224 -4.68 -25.03 2.26
N PRO B 225 -3.40 -25.21 1.88
CA PRO B 225 -2.91 -24.61 0.64
C PRO B 225 -3.82 -24.85 -0.56
N LYS B 226 -4.37 -26.04 -0.66
CA LYS B 226 -5.26 -26.34 -1.78
C LYS B 226 -6.57 -25.57 -1.73
N GLU B 227 -6.99 -25.16 -0.52
CA GLU B 227 -8.23 -24.41 -0.38
C GLU B 227 -8.01 -23.00 -0.90
N LEU B 228 -6.78 -22.53 -0.80
CA LEU B 228 -6.42 -21.20 -1.29
C LEU B 228 -6.16 -21.31 -2.81
N ALA B 229 -5.47 -22.37 -3.22
CA ALA B 229 -5.16 -22.58 -4.64
C ALA B 229 -6.40 -22.68 -5.52
N ALA B 230 -7.47 -23.26 -4.98
CA ALA B 230 -8.72 -23.42 -5.71
C ALA B 230 -9.25 -22.09 -6.23
N MET B 231 -9.15 -21.05 -5.40
CA MET B 231 -9.63 -19.73 -5.81
C MET B 231 -8.74 -19.16 -6.90
N VAL B 232 -7.43 -19.34 -6.76
CA VAL B 232 -6.48 -18.84 -7.76
C VAL B 232 -6.76 -19.54 -9.09
N ALA B 233 -6.98 -20.85 -9.05
CA ALA B 233 -7.25 -21.60 -10.27
C ALA B 233 -8.52 -21.09 -10.95
N PHE B 234 -9.59 -20.90 -10.18
CA PHE B 234 -10.86 -20.43 -10.74
C PHE B 234 -10.73 -19.12 -11.50
N LEU B 235 -10.07 -18.14 -10.89
CA LEU B 235 -9.91 -16.85 -11.52
C LEU B 235 -9.22 -16.94 -12.88
N CYS B 236 -8.44 -18.00 -13.09
CA CYS B 236 -7.72 -18.19 -14.35
C CYS B 236 -8.57 -18.93 -15.38
N PHE B 237 -9.62 -19.59 -14.93
CA PHE B 237 -10.49 -20.31 -15.86
C PHE B 237 -11.15 -19.33 -16.80
N PRO B 238 -11.45 -19.78 -18.03
CA PRO B 238 -12.12 -18.89 -18.97
C PRO B 238 -13.51 -18.56 -18.41
N ALA B 239 -13.98 -19.40 -17.49
CA ALA B 239 -15.28 -19.20 -16.86
C ALA B 239 -15.35 -17.91 -16.05
N ALA B 240 -14.20 -17.46 -15.55
CA ALA B 240 -14.16 -16.24 -14.74
C ALA B 240 -13.85 -15.02 -15.60
N SER B 241 -14.30 -15.04 -16.84
CA SER B 241 -14.04 -13.96 -17.78
C SER B 241 -14.58 -12.57 -17.44
N TYR B 242 -15.54 -12.47 -16.52
CA TYR B 242 -16.07 -11.16 -16.18
C TYR B 242 -15.52 -10.65 -14.85
N VAL B 243 -14.61 -11.41 -14.25
CA VAL B 243 -14.04 -11.02 -12.97
C VAL B 243 -12.68 -10.34 -13.12
N THR B 244 -12.60 -9.09 -12.69
CA THR B 244 -11.35 -8.34 -12.75
C THR B 244 -11.38 -7.16 -11.78
N GLY B 245 -10.20 -6.82 -11.25
CA GLY B 245 -10.09 -5.69 -10.32
C GLY B 245 -10.56 -6.03 -8.93
N GLN B 246 -10.74 -7.32 -8.65
CA GLN B 246 -11.21 -7.78 -7.35
C GLN B 246 -10.12 -8.33 -6.43
N ILE B 247 -10.33 -8.16 -5.13
CA ILE B 247 -9.43 -8.69 -4.12
C ILE B 247 -10.36 -9.62 -3.34
N ILE B 248 -10.19 -10.92 -3.51
CA ILE B 248 -11.05 -11.89 -2.85
C ILE B 248 -10.36 -12.59 -1.69
N TYR B 249 -11.05 -12.68 -0.55
CA TYR B 249 -10.46 -13.31 0.62
C TYR B 249 -10.92 -14.75 0.82
N VAL B 250 -9.96 -15.63 1.06
CA VAL B 250 -10.20 -17.05 1.34
C VAL B 250 -9.67 -17.13 2.75
N ASP B 251 -10.57 -16.89 3.70
CA ASP B 251 -10.19 -16.79 5.10
C ASP B 251 -11.10 -17.44 6.13
N GLY B 252 -12.00 -18.32 5.70
CA GLY B 252 -12.88 -18.94 6.66
C GLY B 252 -13.79 -17.93 7.35
N GLY B 253 -14.01 -16.78 6.72
CA GLY B 253 -14.88 -15.76 7.28
C GLY B 253 -14.26 -14.68 8.14
N LEU B 254 -12.95 -14.75 8.33
CA LEU B 254 -12.23 -13.77 9.16
C LEU B 254 -12.51 -12.31 8.84
N MET B 255 -12.53 -11.96 7.56
CA MET B 255 -12.79 -10.58 7.15
C MET B 255 -14.20 -10.07 7.46
N ALA B 256 -15.16 -10.99 7.60
CA ALA B 256 -16.53 -10.58 7.87
C ALA B 256 -16.82 -10.41 9.36
N ASN B 257 -15.85 -10.75 10.21
CA ASN B 257 -16.01 -10.70 11.65
C ASN B 257 -15.69 -9.42 12.40
N CYS B 258 -16.48 -9.18 13.43
CA CYS B 258 -16.24 -8.06 14.31
C CYS B 258 -16.27 -8.56 15.75
N GLY B 259 -17.43 -9.07 16.17
CA GLY B 259 -17.56 -9.53 17.55
C GLY B 259 -17.70 -11.01 17.86
N PHE B 260 -17.53 -11.87 16.87
CA PHE B 260 -17.62 -13.32 17.09
C PHE B 260 -16.28 -13.89 17.56
PA NAP C . 0.96 20.64 -3.72
O1A NAP C . 1.90 20.22 -4.77
O2A NAP C . 0.05 21.78 -3.99
O5B NAP C . 1.69 20.83 -2.34
C5B NAP C . 2.62 19.84 -1.86
C4B NAP C . 3.43 20.51 -0.77
O4B NAP C . 4.36 19.54 -0.25
C3B NAP C . 4.28 21.66 -1.25
O3B NAP C . 4.57 22.63 -0.22
C2B NAP C . 5.59 20.98 -1.64
O2B NAP C . 6.67 21.93 -1.61
C1B NAP C . 5.70 19.98 -0.50
N9A NAP C . 6.67 18.93 -0.89
C8A NAP C . 6.57 18.06 -1.93
N7A NAP C . 7.63 17.26 -1.98
C5A NAP C . 8.37 17.65 -0.96
C6A NAP C . 9.62 17.12 -0.57
N6A NAP C . 10.20 16.12 -1.25
N1A NAP C . 10.21 17.69 0.53
C2A NAP C . 9.63 18.70 1.23
N3A NAP C . 8.44 19.20 0.84
C4A NAP C . 7.79 18.71 -0.24
O3 NAP C . 0.05 19.38 -3.37
PN NAP C . -1.37 19.16 -2.73
O1N NAP C . -2.36 19.07 -3.82
O2N NAP C . -1.55 20.17 -1.68
O5D NAP C . -1.22 17.71 -2.08
C5D NAP C . -0.77 17.53 -0.76
C4D NAP C . -1.08 16.12 -0.28
O4D NAP C . -2.47 15.86 -0.58
C3D NAP C . -0.31 15.02 -1.01
O3D NAP C . 0.05 13.92 -0.17
C2D NAP C . -1.28 14.54 -2.10
O2D NAP C . -0.97 13.18 -2.40
C1D NAP C . -2.59 14.64 -1.33
N1N NAP C . -3.76 14.76 -2.20
C2N NAP C . -4.08 15.95 -2.95
C3N NAP C . -5.25 15.97 -3.76
C7N NAP C . -5.71 17.16 -4.61
O7N NAP C . -6.72 17.13 -5.30
N7N NAP C . -5.00 18.29 -4.57
C4N NAP C . -6.06 14.80 -3.77
C5N NAP C . -5.75 13.63 -3.03
C6N NAP C . -4.61 13.60 -2.24
P2B NAP C . 7.93 21.83 -2.59
O1X NAP C . 9.00 21.15 -1.85
O2X NAP C . 8.37 23.32 -2.84
O3X NAP C . 7.49 21.27 -3.87
C1 PTO D . -6.68 13.47 -8.32
C2 PTO D . -6.35 12.59 -7.11
C3 PTO D . -5.04 12.94 -6.40
C4 PTO D . -3.88 13.37 -7.30
C5 PTO D . -4.32 14.20 -8.52
C6 PTO D . -5.16 15.37 -8.01
C7 PTO D . -6.58 14.93 -7.89
N8 PTO D . -5.43 13.40 -9.19
C9 PTO D . -5.76 13.89 -10.55
O3 PTO D . -4.68 11.95 -5.45
PA NAP E . 6.20 -19.98 2.67
O1A NAP E . 7.32 -19.42 3.44
O2A NAP E . 5.60 -21.25 3.11
O5B NAP E . 6.54 -20.00 1.12
C5B NAP E . 7.07 -18.83 0.46
C4B NAP E . 7.62 -19.27 -0.88
O4B NAP E . 8.14 -18.09 -1.53
C3B NAP E . 8.80 -20.22 -0.80
O3B NAP E . 8.93 -21.07 -1.96
C2B NAP E . 10.00 -19.27 -0.77
O2B NAP E . 11.19 -19.98 -1.21
C1B NAP E . 9.53 -18.28 -1.80
N9A NAP E . 10.39 -17.08 -1.72
C8A NAP E . 10.47 -16.20 -0.68
N7A NAP E . 11.33 -15.22 -0.94
C5A NAP E . 11.78 -15.52 -2.17
C6A NAP E . 12.73 -14.77 -2.91
N6A NAP E . 13.29 -13.66 -2.43
N1A NAP E . 13.02 -15.26 -4.15
C2A NAP E . 12.46 -16.39 -4.65
N3A NAP E . 11.56 -17.09 -3.93
C4A NAP E . 11.20 -16.67 -2.69
O3 NAP E . 5.05 -18.89 2.67
PN NAP E . 3.48 -18.95 2.49
O1N NAP E . 2.88 -18.98 3.85
O2N NAP E . 3.17 -20.06 1.56
O5D NAP E . 3.14 -17.55 1.81
C5D NAP E . 3.03 -17.37 0.40
C4D NAP E . 2.33 -16.04 0.07
O4D NAP E . 1.04 -16.05 0.75
C3D NAP E . 3.06 -14.81 0.59
O3D NAP E . 2.96 -13.67 -0.28
C2D NAP E . 2.35 -14.49 1.93
O2D NAP E . 2.43 -13.10 2.17
C1D NAP E . 0.92 -14.86 1.56
N1N NAP E . 0.10 -15.19 2.74
C2N NAP E . 0.27 -16.39 3.53
C3N NAP E . -0.57 -16.62 4.65
C7N NAP E . -0.50 -17.86 5.58
O7N NAP E . -1.25 -18.02 6.55
N7N NAP E . 0.39 -18.80 5.32
C4N NAP E . -1.56 -15.63 4.93
C5N NAP E . -1.74 -14.45 4.17
C6N NAP E . -0.90 -14.22 3.05
P2B NAP E . 12.65 -19.74 -0.58
O1X NAP E . 13.41 -18.91 -1.51
O2X NAP E . 13.32 -21.19 -0.57
O3X NAP E . 12.50 -19.30 0.82
C1 PTO F . -1.15 -14.43 9.53
C2 PTO F . -1.31 -13.54 8.29
C3 PTO F . -0.14 -13.60 7.29
C4 PTO F . 1.25 -13.86 7.88
C5 PTO F . 1.25 -14.73 9.14
C6 PTO F . 0.53 -16.04 8.82
C7 PTO F . -0.90 -15.87 9.06
N8 PTO F . 0.22 -14.10 10.07
C9 PTO F . 0.34 -14.46 11.49
O3 PTO F . -0.19 -12.48 6.39
#